data_7OUW
#
_entry.id   7OUW
#
_cell.length_a   45.310
_cell.length_b   68.890
_cell.length_c   161.250
_cell.angle_alpha   90.000
_cell.angle_beta   90.000
_cell.angle_gamma   90.000
#
_symmetry.space_group_name_H-M   'P 21 21 21'
#
loop_
_entity.id
_entity.type
_entity.pdbx_description
1 polymer 'Protein mono-ADP-ribosyltransferase PARP15'
2 non-polymer 8-methoxy-4~{H}-thieno[2,3-c]isoquinolin-5-one
3 non-polymer 'DIMETHYL SULFOXIDE'
4 water water
#
_entity_poly.entity_id   1
_entity_poly.type   'polypeptide(L)'
_entity_poly.pdbx_seq_one_letter_code
;MHHHHHHSSGVDLGTENLYFQSMNLPEHWTDMNHQLFCMVQLEPGQSEYNTIKDKFTRTCSSYAIEKIERIQNAFLWQSY
QVKKRQMDIKNDHKNNERLLFHGTDADSVPYVNQHGFNRSCAGKNAVSYGKGTYFAVDASYSAKDTYSKPDSNGRKHMYV
VRVLTGVFTKGRAGLVTPPPKNPHNPTDLFDSVTNNTRSPKLFVVFFDNQAYPEYLITFTA
;
_entity_poly.pdbx_strand_id   A,B
#
loop_
_chem_comp.id
_chem_comp.type
_chem_comp.name
_chem_comp.formula
1OI non-polymer 8-methoxy-4~{H}-thieno[2,3-c]isoquinolin-5-one 'C12 H9 N O2 S'
DMS non-polymer 'DIMETHYL SULFOXIDE' 'C2 H6 O S'
#
# COMPACT_ATOMS: atom_id res chain seq x y z
N PRO A 26 9.18 7.21 17.43
CA PRO A 26 9.15 7.82 18.76
C PRO A 26 10.52 8.02 19.43
N GLU A 27 11.40 8.83 18.81
CA GLU A 27 12.77 9.15 19.28
C GLU A 27 12.83 10.62 19.74
N HIS A 28 12.97 11.54 18.79
CA HIS A 28 12.94 13.01 18.97
C HIS A 28 11.48 13.48 19.14
N TRP A 29 10.51 12.57 19.03
CA TRP A 29 9.08 12.96 19.09
C TRP A 29 8.79 13.53 20.48
N THR A 30 7.87 14.49 20.50
CA THR A 30 7.42 15.19 21.70
C THR A 30 5.98 14.70 21.96
N ASP A 31 5.57 14.78 23.21
CA ASP A 31 4.28 14.22 23.71
C ASP A 31 3.12 14.72 22.84
N MET A 32 2.17 13.84 22.53
CA MET A 32 1.04 14.15 21.62
C MET A 32 -0.28 14.24 22.40
N ASN A 33 -0.24 14.13 23.73
CA ASN A 33 -1.44 14.21 24.60
C ASN A 33 -2.49 13.22 24.08
N HIS A 34 -2.09 12.00 23.72
CA HIS A 34 -2.98 10.92 23.21
C HIS A 34 -3.62 11.28 21.85
N GLN A 35 -3.06 12.23 21.08
CA GLN A 35 -3.42 12.44 19.66
C GLN A 35 -2.61 11.44 18.83
N LEU A 36 -3.07 11.08 17.64
CA LEU A 36 -2.38 10.08 16.76
C LEU A 36 -1.58 10.81 15.69
N PHE A 37 -1.83 12.10 15.50
CA PHE A 37 -1.17 12.93 14.47
C PHE A 37 -0.85 14.30 15.09
N CYS A 38 0.37 14.80 14.91
CA CYS A 38 0.64 16.22 15.18
C CYS A 38 1.84 16.66 14.33
N MET A 39 1.81 17.92 13.89
CA MET A 39 2.97 18.62 13.26
C MET A 39 3.62 19.52 14.32
N VAL A 40 4.92 19.36 14.57
CA VAL A 40 5.66 20.10 15.63
C VAL A 40 6.68 20.99 14.94
N GLN A 41 6.51 22.31 15.04
CA GLN A 41 7.49 23.27 14.49
C GLN A 41 8.79 23.16 15.30
N LEU A 42 9.92 22.89 14.64
CA LEU A 42 11.23 22.81 15.32
C LEU A 42 11.71 24.21 15.73
N GLU A 43 12.41 24.26 16.86
CA GLU A 43 13.09 25.45 17.43
C GLU A 43 14.38 25.68 16.64
N PRO A 44 14.52 26.81 15.91
CA PRO A 44 15.79 27.10 15.23
C PRO A 44 16.95 27.04 16.22
N GLY A 45 18.14 26.66 15.74
CA GLY A 45 19.39 26.70 16.52
C GLY A 45 19.57 25.46 17.39
N GLN A 46 18.50 24.71 17.67
CA GLN A 46 18.65 23.44 18.43
C GLN A 46 19.11 22.35 17.47
N SER A 47 19.68 21.30 18.06
CA SER A 47 20.34 20.14 17.42
C SER A 47 19.55 19.61 16.21
N GLU A 48 18.30 19.21 16.44
CA GLU A 48 17.46 18.58 15.39
C GLU A 48 17.29 19.53 14.20
N TYR A 49 16.91 20.77 14.48
CA TYR A 49 16.66 21.79 13.42
C TYR A 49 17.95 21.91 12.61
N ASN A 50 19.08 22.03 13.30
CA ASN A 50 20.41 22.22 12.66
C ASN A 50 20.72 21.03 11.73
N THR A 51 20.45 19.80 12.17
CA THR A 51 20.73 18.57 11.41
C THR A 51 19.95 18.59 10.10
N ILE A 52 18.66 18.94 10.15
CA ILE A 52 17.79 18.89 8.94
C ILE A 52 18.13 20.06 8.02
N LYS A 53 18.29 21.27 8.59
CA LYS A 53 18.70 22.46 7.80
C LYS A 53 20.01 22.15 7.07
N ASP A 54 21.00 21.51 7.70
CA ASP A 54 22.30 21.23 7.05
C ASP A 54 22.10 20.30 5.84
N LYS A 55 21.24 19.28 5.95
CA LYS A 55 20.94 18.34 4.84
C LYS A 55 20.44 19.13 3.62
N PHE A 56 19.56 20.10 3.84
CA PHE A 56 18.94 20.95 2.80
C PHE A 56 19.98 21.92 2.21
N THR A 57 20.69 22.65 3.07
CA THR A 57 21.62 23.73 2.62
C THR A 57 22.86 23.12 1.94
N ARG A 58 23.13 21.82 2.12
CA ARG A 58 24.19 21.10 1.37
C ARG A 58 24.09 21.46 -0.13
N THR A 59 22.88 21.56 -0.69
CA THR A 59 22.66 21.85 -2.14
C THR A 59 21.69 23.02 -2.37
N CYS A 60 21.02 23.55 -1.34
CA CYS A 60 19.99 24.60 -1.46
C CYS A 60 20.35 25.81 -0.59
N SER A 61 21.63 26.22 -0.54
CA SER A 61 22.07 27.32 0.39
C SER A 61 21.56 28.69 -0.06
N SER A 62 21.09 28.85 -1.31
CA SER A 62 20.56 30.13 -1.87
C SER A 62 19.06 30.29 -1.53
N TYR A 63 18.44 29.29 -0.91
CA TYR A 63 17.00 29.38 -0.54
C TYR A 63 16.91 30.04 0.85
N ALA A 64 15.70 30.32 1.31
CA ALA A 64 15.41 30.89 2.64
C ALA A 64 14.42 29.95 3.34
N ILE A 65 14.86 29.28 4.42
CA ILE A 65 14.02 28.39 5.27
C ILE A 65 13.12 29.27 6.16
N GLU A 66 11.79 29.15 6.01
CA GLU A 66 10.81 29.84 6.87
C GLU A 66 10.58 28.99 8.12
N LYS A 67 10.49 27.67 7.98
CA LYS A 67 10.31 26.78 9.15
C LYS A 67 10.55 25.33 8.74
N ILE A 68 10.89 24.51 9.72
CA ILE A 68 10.96 23.03 9.60
C ILE A 68 9.98 22.45 10.63
N GLU A 69 9.14 21.51 10.19
CA GLU A 69 8.14 20.86 11.08
C GLU A 69 8.44 19.37 11.13
N ARG A 70 8.44 18.80 12.32
CA ARG A 70 8.54 17.33 12.51
C ARG A 70 7.14 16.73 12.31
N ILE A 71 7.02 15.72 11.46
CA ILE A 71 5.72 15.01 11.23
C ILE A 71 5.65 13.82 12.20
N GLN A 72 4.68 13.86 13.11
CA GLN A 72 4.42 12.76 14.09
C GLN A 72 3.10 12.12 13.71
N ASN A 73 3.17 11.08 12.88
CA ASN A 73 2.00 10.33 12.38
C ASN A 73 2.15 8.89 12.89
N ALA A 74 1.50 8.56 13.99
CA ALA A 74 1.66 7.27 14.68
C ALA A 74 1.35 6.12 13.71
N PHE A 75 0.21 6.17 12.99
CA PHE A 75 -0.22 5.05 12.11
C PHE A 75 0.78 4.84 10.96
N LEU A 76 1.15 5.91 10.27
CA LEU A 76 2.13 5.84 9.15
C LEU A 76 3.44 5.25 9.67
N TRP A 77 3.87 5.69 10.85
CA TRP A 77 5.15 5.22 11.45
C TRP A 77 5.06 3.71 11.75
N GLN A 78 3.96 3.24 12.33
CA GLN A 78 3.76 1.81 12.69
C GLN A 78 3.89 0.96 11.42
N SER A 79 3.17 1.37 10.36
CA SER A 79 3.13 0.66 9.05
C SER A 79 4.50 0.65 8.40
N TYR A 80 5.19 1.79 8.41
CA TYR A 80 6.58 1.92 7.90
C TYR A 80 7.54 1.01 8.69
N GLN A 81 7.46 1.03 10.03
CA GLN A 81 8.39 0.26 10.89
C GLN A 81 8.18 -1.25 10.64
N VAL A 82 6.93 -1.67 10.44
CA VAL A 82 6.66 -3.09 10.08
C VAL A 82 7.40 -3.45 8.79
N LYS A 83 7.28 -2.60 7.76
CA LYS A 83 7.93 -2.87 6.45
CA LYS A 83 7.93 -2.86 6.44
C LYS A 83 9.45 -2.87 6.64
N LYS A 84 9.97 -1.99 7.49
CA LYS A 84 11.45 -1.94 7.73
C LYS A 84 11.90 -3.26 8.36
N ARG A 85 11.22 -3.73 9.41
CA ARG A 85 11.56 -5.02 10.09
C ARG A 85 11.54 -6.14 9.05
N GLN A 86 10.51 -6.17 8.20
CA GLN A 86 10.35 -7.19 7.12
C GLN A 86 11.52 -7.11 6.14
N MET A 87 11.90 -5.91 5.71
CA MET A 87 12.99 -5.75 4.71
C MET A 87 14.34 -6.09 5.36
N ASP A 88 14.53 -5.78 6.64
CA ASP A 88 15.77 -6.16 7.38
C ASP A 88 15.92 -7.68 7.36
N ILE A 89 14.83 -8.42 7.54
CA ILE A 89 14.81 -9.92 7.57
C ILE A 89 15.04 -10.47 6.15
N LYS A 90 14.33 -9.93 5.17
CA LYS A 90 14.42 -10.35 3.74
C LYS A 90 15.87 -10.17 3.25
N ASN A 91 16.48 -9.01 3.51
CA ASN A 91 17.81 -8.64 2.95
C ASN A 91 18.91 -9.01 3.96
N ASP A 92 18.74 -10.15 4.63
CA ASP A 92 19.70 -10.76 5.60
C ASP A 92 20.69 -9.70 6.11
N HIS A 93 20.18 -8.65 6.77
CA HIS A 93 20.99 -7.64 7.52
C HIS A 93 21.75 -6.75 6.54
N LYS A 94 21.10 -5.65 6.12
CA LYS A 94 21.70 -4.51 5.38
C LYS A 94 21.04 -3.23 5.90
N ASN A 95 21.65 -2.06 5.71
CA ASN A 95 20.95 -0.77 5.93
C ASN A 95 20.08 -0.51 4.69
N ASN A 96 18.77 -0.65 4.85
CA ASN A 96 17.77 -0.60 3.76
C ASN A 96 17.19 0.81 3.62
N GLU A 97 17.57 1.70 4.52
CA GLU A 97 16.95 3.04 4.72
C GLU A 97 17.89 4.11 4.18
N ARG A 98 17.32 5.10 3.48
CA ARG A 98 18.00 6.30 2.97
C ARG A 98 17.13 7.49 3.36
N LEU A 99 17.76 8.62 3.63
CA LEU A 99 17.07 9.89 3.91
C LEU A 99 17.06 10.70 2.60
N LEU A 100 15.89 10.91 2.02
CA LEU A 100 15.71 11.51 0.67
C LEU A 100 14.73 12.70 0.75
N PHE A 101 14.54 13.40 -0.38
CA PHE A 101 13.75 14.64 -0.48
C PHE A 101 12.59 14.42 -1.45
N HIS A 102 11.48 15.05 -1.16
CA HIS A 102 10.30 15.03 -2.06
C HIS A 102 9.64 16.41 -2.03
N GLY A 103 9.74 17.14 -3.15
CA GLY A 103 8.99 18.39 -3.40
C GLY A 103 7.54 18.06 -3.71
N THR A 104 6.60 18.84 -3.20
CA THR A 104 5.15 18.68 -3.47
C THR A 104 4.54 20.07 -3.59
N ASP A 105 3.39 20.17 -4.24
CA ASP A 105 2.56 21.42 -4.24
C ASP A 105 1.86 21.51 -2.87
N ALA A 106 1.51 22.73 -2.48
CA ALA A 106 0.85 23.04 -1.19
C ALA A 106 -0.46 22.25 -1.06
N ASP A 107 -1.20 22.07 -2.15
CA ASP A 107 -2.55 21.46 -2.10
C ASP A 107 -2.40 19.95 -1.78
N SER A 108 -1.21 19.38 -1.88
CA SER A 108 -0.93 17.94 -1.57
C SER A 108 -0.42 17.72 -0.14
N VAL A 109 0.03 18.79 0.55
CA VAL A 109 0.69 18.68 1.89
C VAL A 109 -0.23 18.02 2.92
N PRO A 110 -1.50 18.46 3.11
CA PRO A 110 -2.38 17.81 4.09
C PRO A 110 -2.50 16.30 3.85
N TYR A 111 -2.75 15.87 2.61
CA TYR A 111 -2.86 14.43 2.27
C TYR A 111 -1.58 13.71 2.73
N VAL A 112 -0.40 14.19 2.34
CA VAL A 112 0.86 13.45 2.61
C VAL A 112 1.12 13.39 4.13
N ASN A 113 0.88 14.49 4.84
CA ASN A 113 1.04 14.56 6.31
C ASN A 113 0.24 13.41 6.95
N GLN A 114 -1.00 13.21 6.51
CA GLN A 114 -1.94 12.25 7.13
C GLN A 114 -1.76 10.85 6.55
N HIS A 115 -1.51 10.72 5.24
CA HIS A 115 -1.59 9.42 4.52
C HIS A 115 -0.28 9.00 3.84
N GLY A 116 0.77 9.82 3.88
CA GLY A 116 2.03 9.52 3.19
C GLY A 116 1.93 9.61 1.68
N PHE A 117 2.81 8.88 0.98
CA PHE A 117 3.00 9.03 -0.47
C PHE A 117 2.22 7.92 -1.18
N ASN A 118 1.50 8.32 -2.22
CA ASN A 118 0.55 7.45 -2.96
C ASN A 118 0.87 7.54 -4.45
N ARG A 119 1.38 6.43 -4.99
CA ARG A 119 1.75 6.28 -6.42
C ARG A 119 0.53 6.56 -7.29
N SER A 120 -0.69 6.35 -6.82
CA SER A 120 -1.91 6.50 -7.62
C SER A 120 -2.24 7.98 -7.82
N CYS A 121 -1.59 8.87 -7.05
CA CYS A 121 -1.71 10.35 -7.16
C CYS A 121 -0.61 10.90 -8.07
N ASN A 125 3.54 14.83 -13.27
CA ASN A 125 4.95 14.84 -13.75
C ASN A 125 5.25 13.54 -14.50
N ALA A 126 6.50 13.38 -14.94
CA ALA A 126 6.99 12.30 -15.83
C ALA A 126 7.45 11.08 -15.01
N VAL A 127 6.92 9.90 -15.34
CA VAL A 127 7.13 8.59 -14.66
C VAL A 127 8.19 7.78 -15.43
N SER A 128 9.32 8.43 -15.74
CA SER A 128 10.41 7.93 -16.62
C SER A 128 11.03 6.62 -16.11
N TYR A 129 11.03 6.37 -14.80
CA TYR A 129 11.69 5.19 -14.19
C TYR A 129 10.63 4.29 -13.53
N GLY A 130 9.36 4.57 -13.77
CA GLY A 130 8.23 3.70 -13.33
C GLY A 130 7.12 4.46 -12.66
N LYS A 131 5.96 3.80 -12.52
CA LYS A 131 4.75 4.36 -11.90
C LYS A 131 4.82 4.15 -10.38
N GLY A 132 5.71 4.91 -9.74
CA GLY A 132 5.97 4.87 -8.30
C GLY A 132 6.06 6.28 -7.75
N THR A 133 6.40 6.42 -6.47
CA THR A 133 6.66 7.74 -5.85
CA THR A 133 6.66 7.75 -5.87
C THR A 133 8.17 7.99 -5.95
N TYR A 134 8.54 9.20 -6.32
CA TYR A 134 9.92 9.60 -6.63
C TYR A 134 10.48 10.35 -5.42
N PHE A 135 11.77 10.16 -5.16
CA PHE A 135 12.54 10.83 -4.08
C PHE A 135 13.94 11.09 -4.63
N ALA A 136 14.44 12.28 -4.31
CA ALA A 136 15.74 12.81 -4.79
C ALA A 136 16.79 12.63 -3.70
N VAL A 137 18.04 12.39 -4.11
CA VAL A 137 19.22 12.36 -3.20
C VAL A 137 19.53 13.80 -2.75
N ASP A 138 19.40 14.77 -3.65
CA ASP A 138 19.75 16.20 -3.44
C ASP A 138 18.49 17.05 -3.31
N ALA A 139 18.41 17.88 -2.26
CA ALA A 139 17.33 18.89 -2.08
C ALA A 139 17.21 19.73 -3.35
N SER A 140 18.34 20.07 -3.98
CA SER A 140 18.36 20.92 -5.20
C SER A 140 17.44 20.37 -6.30
N TYR A 141 17.34 19.05 -6.45
CA TYR A 141 16.48 18.43 -7.49
C TYR A 141 14.99 18.63 -7.13
N SER A 142 14.65 18.41 -5.86
CA SER A 142 13.26 18.52 -5.33
C SER A 142 12.83 20.00 -5.28
N ALA A 143 13.80 20.92 -5.28
CA ALA A 143 13.60 22.39 -5.18
C ALA A 143 13.13 22.97 -6.51
N LYS A 144 13.16 22.19 -7.60
CA LYS A 144 12.61 22.61 -8.91
C LYS A 144 11.12 22.94 -8.73
N ASP A 145 10.66 24.02 -9.35
CA ASP A 145 9.26 24.53 -9.30
C ASP A 145 8.27 23.47 -9.81
N THR A 146 8.70 22.57 -10.70
CA THR A 146 7.91 21.45 -11.27
C THR A 146 7.49 20.46 -10.15
N TYR A 147 8.26 20.38 -9.06
CA TYR A 147 8.01 19.47 -7.92
C TYR A 147 7.50 20.28 -6.74
N SER A 148 8.34 21.15 -6.18
CA SER A 148 7.96 22.06 -5.07
C SER A 148 7.34 23.34 -5.66
N LYS A 149 6.14 23.22 -6.24
CA LYS A 149 5.44 24.33 -6.94
C LYS A 149 5.19 25.45 -5.94
N PRO A 150 5.66 26.70 -6.21
CA PRO A 150 5.34 27.82 -5.34
C PRO A 150 3.83 28.04 -5.22
N ASP A 151 3.33 28.34 -4.01
CA ASP A 151 1.90 28.67 -3.79
C ASP A 151 1.72 30.15 -4.14
N SER A 152 0.55 30.73 -3.85
CA SER A 152 0.17 32.13 -4.22
C SER A 152 1.11 33.13 -3.54
N ASN A 153 1.66 32.79 -2.36
CA ASN A 153 2.58 33.65 -1.55
C ASN A 153 4.04 33.28 -1.80
N GLY A 154 4.33 32.48 -2.84
CA GLY A 154 5.70 32.10 -3.29
C GLY A 154 6.36 31.07 -2.38
N ARG A 155 5.60 30.42 -1.50
CA ARG A 155 6.15 29.42 -0.53
C ARG A 155 6.24 28.05 -1.22
N LYS A 156 7.39 27.38 -1.06
CA LYS A 156 7.68 26.04 -1.65
C LYS A 156 7.76 25.03 -0.50
N HIS A 157 7.37 23.77 -0.75
CA HIS A 157 7.27 22.71 0.27
C HIS A 157 8.05 21.48 -0.17
N MET A 158 8.89 20.96 0.72
CA MET A 158 9.73 19.78 0.48
C MET A 158 9.79 18.96 1.75
N TYR A 159 9.53 17.66 1.62
CA TYR A 159 9.65 16.68 2.71
C TYR A 159 11.07 16.14 2.74
N VAL A 160 11.52 15.83 3.94
CA VAL A 160 12.66 14.92 4.24
C VAL A 160 12.05 13.58 4.63
N VAL A 161 12.44 12.51 3.92
CA VAL A 161 11.65 11.24 3.90
C VAL A 161 12.60 10.11 4.27
N ARG A 162 12.20 9.26 5.22
CA ARG A 162 12.85 7.95 5.43
C ARG A 162 12.32 7.03 4.33
N VAL A 163 13.21 6.52 3.49
CA VAL A 163 12.79 5.66 2.36
C VAL A 163 13.48 4.30 2.49
N LEU A 164 12.70 3.23 2.42
CA LEU A 164 13.25 1.85 2.36
C LEU A 164 13.64 1.56 0.92
N THR A 165 14.84 2.00 0.49
CA THR A 165 15.36 1.79 -0.88
C THR A 165 15.85 0.35 -1.03
N GLY A 166 16.31 -0.25 0.07
CA GLY A 166 16.72 -1.67 0.12
C GLY A 166 17.72 -2.02 -0.97
N VAL A 167 17.53 -3.16 -1.63
CA VAL A 167 18.36 -3.57 -2.80
C VAL A 167 17.69 -2.99 -4.05
N PHE A 168 18.45 -2.24 -4.87
CA PHE A 168 17.85 -1.48 -5.99
C PHE A 168 18.55 -1.81 -7.32
N THR A 169 17.86 -1.49 -8.41
CA THR A 169 18.30 -1.73 -9.80
C THR A 169 17.89 -0.54 -10.67
N LYS A 170 18.40 -0.45 -11.91
CA LYS A 170 18.00 0.60 -12.86
C LYS A 170 16.51 0.44 -13.19
N GLY A 171 15.72 1.51 -13.08
CA GLY A 171 14.32 1.48 -13.52
C GLY A 171 14.20 1.76 -15.00
N ARG A 172 12.97 1.84 -15.48
CA ARG A 172 12.60 2.11 -16.89
C ARG A 172 11.11 2.45 -16.95
N ALA A 173 10.69 3.15 -18.00
CA ALA A 173 9.30 3.65 -18.15
C ALA A 173 8.33 2.47 -18.09
N GLY A 174 7.21 2.64 -17.39
CA GLY A 174 6.07 1.73 -17.42
C GLY A 174 6.13 0.64 -16.35
N LEU A 175 7.22 0.49 -15.59
CA LEU A 175 7.25 -0.43 -14.41
C LEU A 175 6.07 -0.09 -13.50
N VAL A 176 5.38 -1.11 -13.00
CA VAL A 176 4.32 -0.94 -11.97
C VAL A 176 4.79 -1.48 -10.61
N THR A 177 5.84 -2.29 -10.62
CA THR A 177 6.57 -2.81 -9.44
C THR A 177 8.04 -2.84 -9.82
N PRO A 178 8.99 -3.00 -8.88
CA PRO A 178 10.38 -3.22 -9.28
C PRO A 178 10.49 -4.55 -10.02
N PRO A 179 11.54 -4.73 -10.85
CA PRO A 179 11.81 -6.02 -11.50
C PRO A 179 12.18 -7.10 -10.48
N PRO A 180 12.14 -8.40 -10.86
CA PRO A 180 12.72 -9.47 -10.03
C PRO A 180 14.25 -9.48 -9.97
N LYS A 181 14.80 -9.91 -8.83
CA LYS A 181 16.26 -9.97 -8.55
C LYS A 181 16.89 -11.11 -9.33
N ASN A 182 16.07 -12.09 -9.69
CA ASN A 182 16.39 -13.18 -10.64
C ASN A 182 15.14 -13.47 -11.46
N PRO A 183 15.16 -13.33 -12.81
CA PRO A 183 13.98 -13.60 -13.62
C PRO A 183 13.50 -15.08 -13.57
N HIS A 184 14.34 -15.99 -13.05
CA HIS A 184 13.99 -17.41 -12.77
C HIS A 184 12.95 -17.49 -11.63
N ASN A 185 13.01 -16.55 -10.68
CA ASN A 185 12.04 -16.42 -9.56
C ASN A 185 11.35 -15.05 -9.67
N PRO A 186 10.22 -14.94 -10.40
CA PRO A 186 9.70 -13.63 -10.79
C PRO A 186 8.88 -12.89 -9.72
N THR A 187 8.75 -13.42 -8.50
CA THR A 187 8.07 -12.73 -7.36
C THR A 187 9.07 -12.28 -6.28
N ASP A 188 10.38 -12.53 -6.44
CA ASP A 188 11.40 -12.08 -5.45
C ASP A 188 12.00 -10.75 -5.94
N LEU A 189 11.34 -9.63 -5.62
CA LEU A 189 11.50 -8.31 -6.32
C LEU A 189 12.65 -7.49 -5.70
N PHE A 190 13.28 -6.64 -6.51
CA PHE A 190 14.07 -5.48 -5.99
C PHE A 190 13.16 -4.64 -5.09
N ASP A 191 13.74 -3.87 -4.17
CA ASP A 191 12.99 -3.02 -3.22
C ASP A 191 12.60 -1.68 -3.84
N SER A 192 13.47 -1.14 -4.71
CA SER A 192 13.23 0.13 -5.41
C SER A 192 14.02 0.17 -6.73
N VAL A 193 13.78 1.19 -7.53
CA VAL A 193 14.56 1.42 -8.79
C VAL A 193 15.17 2.82 -8.72
N THR A 194 16.24 3.01 -9.49
CA THR A 194 16.95 4.29 -9.54
C THR A 194 17.26 4.63 -11.00
N ASN A 195 17.74 5.84 -11.20
CA ASN A 195 18.16 6.33 -12.54
C ASN A 195 19.51 5.69 -12.89
N ASN A 196 20.36 5.43 -11.88
CA ASN A 196 21.78 5.04 -12.06
C ASN A 196 22.26 4.31 -10.79
N THR A 197 22.55 3.02 -10.86
CA THR A 197 22.80 2.15 -9.68
C THR A 197 24.12 2.57 -9.00
N ARG A 198 25.12 2.95 -9.78
CA ARG A 198 26.50 3.24 -9.31
C ARG A 198 26.56 4.61 -8.60
N SER A 199 25.82 5.58 -9.10
CA SER A 199 25.73 6.96 -8.53
C SER A 199 24.30 7.45 -8.60
N PRO A 200 23.40 6.93 -7.74
CA PRO A 200 21.99 7.26 -7.85
C PRO A 200 21.67 8.72 -7.50
N LYS A 201 20.74 9.35 -8.21
CA LYS A 201 20.25 10.70 -7.83
C LYS A 201 18.77 10.66 -7.48
N LEU A 202 18.09 9.60 -7.84
CA LEU A 202 16.64 9.47 -7.54
C LEU A 202 16.31 8.00 -7.29
N PHE A 203 15.24 7.77 -6.54
CA PHE A 203 14.74 6.43 -6.18
C PHE A 203 13.23 6.47 -6.38
N VAL A 204 12.68 5.35 -6.82
CA VAL A 204 11.22 5.17 -7.00
C VAL A 204 10.82 3.98 -6.13
N VAL A 205 9.75 4.09 -5.37
CA VAL A 205 9.23 2.92 -4.62
C VAL A 205 7.77 2.78 -5.06
N PHE A 206 7.26 1.55 -4.98
CA PHE A 206 6.02 1.17 -5.69
C PHE A 206 4.97 0.65 -4.71
N PHE A 207 5.26 0.73 -3.42
CA PHE A 207 4.31 0.25 -2.38
C PHE A 207 4.11 1.30 -1.30
N ASP A 208 2.90 1.26 -0.74
CA ASP A 208 2.49 2.10 0.40
C ASP A 208 3.41 1.73 1.57
N ASN A 209 3.73 2.69 2.42
CA ASN A 209 4.39 2.40 3.71
C ASN A 209 5.85 1.96 3.48
N GLN A 210 6.43 2.28 2.31
CA GLN A 210 7.90 2.17 2.09
C GLN A 210 8.58 3.50 2.28
N ALA A 211 7.83 4.55 2.63
CA ALA A 211 8.30 5.95 2.70
C ALA A 211 7.60 6.64 3.86
N TYR A 212 8.35 7.19 4.81
CA TYR A 212 7.77 7.93 5.96
C TYR A 212 8.18 9.41 5.89
N PRO A 213 7.21 10.34 5.73
CA PRO A 213 7.51 11.77 5.68
C PRO A 213 7.88 12.24 7.10
N GLU A 214 9.15 12.59 7.35
CA GLU A 214 9.67 12.83 8.72
C GLU A 214 9.66 14.33 9.03
N TYR A 215 10.07 15.18 8.07
CA TYR A 215 10.12 16.67 8.24
C TYR A 215 9.51 17.32 6.99
N LEU A 216 8.91 18.49 7.18
CA LEU A 216 8.41 19.36 6.09
C LEU A 216 9.14 20.68 6.21
N ILE A 217 9.87 21.03 5.15
CA ILE A 217 10.59 22.31 5.03
C ILE A 217 9.70 23.25 4.20
N THR A 218 9.34 24.38 4.79
CA THR A 218 8.72 25.52 4.06
C THR A 218 9.81 26.55 3.77
N PHE A 219 9.97 26.95 2.50
CA PHE A 219 11.14 27.75 2.05
C PHE A 219 10.75 28.63 0.86
N THR A 220 11.64 29.56 0.49
CA THR A 220 11.45 30.46 -0.68
C THR A 220 12.75 30.60 -1.45
N ALA A 221 12.62 30.95 -2.74
CA ALA A 221 13.74 31.17 -3.70
C ALA A 221 14.58 32.38 -3.27
N LEU B 25 1.34 -14.68 14.60
CA LEU B 25 0.77 -15.60 13.56
C LEU B 25 -0.28 -16.50 14.22
N PRO B 26 -1.43 -16.76 13.58
CA PRO B 26 -2.51 -17.53 14.21
C PRO B 26 -2.08 -18.97 14.59
N GLU B 27 -2.57 -19.46 15.73
CA GLU B 27 -2.10 -20.72 16.37
C GLU B 27 -2.55 -21.95 15.57
N HIS B 28 -3.60 -21.83 14.78
CA HIS B 28 -4.16 -22.92 13.92
C HIS B 28 -3.31 -23.10 12.65
N TRP B 29 -2.41 -22.14 12.33
CA TRP B 29 -1.56 -22.26 11.11
C TRP B 29 -0.61 -23.44 11.28
N THR B 30 -0.24 -24.10 10.18
CA THR B 30 0.83 -25.11 10.14
C THR B 30 2.11 -24.42 10.60
N ASP B 31 2.90 -25.06 11.46
CA ASP B 31 4.26 -24.59 11.82
C ASP B 31 5.06 -24.56 10.52
N MET B 32 5.68 -23.43 10.20
CA MET B 32 6.36 -23.16 8.90
C MET B 32 7.88 -23.24 9.03
N ASN B 33 8.42 -23.39 10.25
CA ASN B 33 9.85 -23.70 10.49
C ASN B 33 10.73 -22.65 9.80
N HIS B 34 10.67 -21.41 10.29
CA HIS B 34 11.56 -20.26 9.94
C HIS B 34 11.28 -19.71 8.53
N GLN B 35 10.26 -20.23 7.82
CA GLN B 35 9.89 -19.77 6.46
C GLN B 35 8.66 -18.86 6.54
N LEU B 36 8.58 -17.90 5.63
CA LEU B 36 7.65 -16.74 5.73
C LEU B 36 6.41 -16.99 4.87
N PHE B 37 6.36 -18.09 4.10
CA PHE B 37 5.23 -18.39 3.18
C PHE B 37 4.99 -19.90 3.02
N CYS B 38 3.72 -20.30 3.01
CA CYS B 38 3.31 -21.70 2.74
C CYS B 38 1.84 -21.72 2.29
N MET B 39 1.50 -22.62 1.36
CA MET B 39 0.10 -22.99 1.00
C MET B 39 -0.22 -24.33 1.69
N VAL B 40 -1.38 -24.44 2.34
CA VAL B 40 -1.80 -25.67 3.09
C VAL B 40 -3.11 -26.20 2.52
N GLN B 41 -3.05 -27.38 1.92
CA GLN B 41 -4.22 -28.05 1.31
C GLN B 41 -5.16 -28.45 2.45
N LEU B 42 -6.42 -28.06 2.36
CA LEU B 42 -7.47 -28.36 3.36
C LEU B 42 -8.18 -29.68 3.03
N GLU B 43 -8.73 -30.33 4.05
CA GLU B 43 -9.38 -31.66 3.92
C GLU B 43 -10.89 -31.50 3.97
N PRO B 44 -11.66 -32.02 2.98
CA PRO B 44 -13.12 -32.00 3.05
C PRO B 44 -13.49 -32.75 4.32
N GLY B 45 -14.60 -32.37 4.96
CA GLY B 45 -14.96 -32.91 6.29
C GLY B 45 -14.48 -32.02 7.44
N GLN B 46 -13.30 -31.39 7.34
CA GLN B 46 -12.87 -30.27 8.23
C GLN B 46 -13.97 -29.19 8.21
N SER B 47 -14.30 -28.59 9.37
CA SER B 47 -15.16 -27.37 9.42
C SER B 47 -14.60 -26.30 8.48
N GLU B 48 -13.28 -26.15 8.46
CA GLU B 48 -12.59 -25.03 7.77
C GLU B 48 -12.85 -25.13 6.26
N TYR B 49 -12.67 -26.32 5.67
CA TYR B 49 -12.99 -26.57 4.24
C TYR B 49 -14.48 -26.37 4.02
N ASN B 50 -15.28 -27.01 4.86
CA ASN B 50 -16.76 -27.08 4.67
C ASN B 50 -17.37 -25.68 4.64
N THR B 51 -16.92 -24.74 5.50
CA THR B 51 -17.48 -23.37 5.58
CA THR B 51 -17.50 -23.36 5.57
C THR B 51 -17.19 -22.59 4.29
N ILE B 52 -15.95 -22.70 3.78
CA ILE B 52 -15.57 -22.01 2.53
C ILE B 52 -16.37 -22.63 1.39
N LYS B 53 -16.50 -23.96 1.39
CA LYS B 53 -17.23 -24.64 0.29
C LYS B 53 -18.70 -24.19 0.32
N ASP B 54 -19.30 -24.05 1.50
CA ASP B 54 -20.72 -23.65 1.61
C ASP B 54 -20.90 -22.19 1.16
N LYS B 55 -19.95 -21.32 1.49
CA LYS B 55 -19.96 -19.87 1.12
C LYS B 55 -19.88 -19.77 -0.41
N PHE B 56 -19.06 -20.63 -1.02
CA PHE B 56 -18.85 -20.71 -2.48
C PHE B 56 -20.12 -21.27 -3.14
N THR B 57 -20.60 -22.43 -2.68
CA THR B 57 -21.68 -23.17 -3.40
C THR B 57 -23.00 -22.42 -3.26
N ARG B 58 -23.12 -21.56 -2.23
CA ARG B 58 -24.31 -20.69 -2.02
C ARG B 58 -24.72 -20.04 -3.35
N THR B 59 -23.77 -19.54 -4.15
CA THR B 59 -24.06 -18.82 -5.43
C THR B 59 -23.39 -19.47 -6.65
N CYS B 60 -22.52 -20.49 -6.45
CA CYS B 60 -21.78 -21.20 -7.53
C CYS B 60 -22.03 -22.72 -7.50
N SER B 61 -23.27 -23.16 -7.27
CA SER B 61 -23.61 -24.59 -7.10
C SER B 61 -23.34 -25.41 -8.39
N SER B 62 -23.21 -24.75 -9.55
CA SER B 62 -23.04 -25.43 -10.85
C SER B 62 -21.54 -25.76 -11.09
N TYR B 63 -20.63 -25.04 -10.44
CA TYR B 63 -19.17 -25.28 -10.51
C TYR B 63 -18.82 -26.37 -9.49
N ALA B 64 -17.64 -26.98 -9.60
CA ALA B 64 -17.14 -28.04 -8.68
C ALA B 64 -15.74 -27.66 -8.21
N ILE B 65 -15.53 -27.73 -6.90
CA ILE B 65 -14.21 -27.39 -6.30
C ILE B 65 -13.22 -28.55 -6.46
N GLU B 66 -12.02 -28.26 -6.95
CA GLU B 66 -10.91 -29.24 -6.99
C GLU B 66 -10.24 -29.26 -5.62
N LYS B 67 -9.88 -28.09 -5.08
CA LYS B 67 -9.14 -28.00 -3.80
C LYS B 67 -9.31 -26.60 -3.22
N ILE B 68 -9.18 -26.50 -1.90
CA ILE B 68 -9.10 -25.22 -1.14
C ILE B 68 -7.78 -25.23 -0.38
N GLU B 69 -6.94 -24.22 -0.64
CA GLU B 69 -5.63 -24.08 0.03
C GLU B 69 -5.67 -22.85 0.96
N ARG B 70 -5.19 -23.02 2.19
CA ARG B 70 -5.04 -21.91 3.17
C ARG B 70 -3.74 -21.20 2.83
N ILE B 71 -3.78 -19.87 2.70
CA ILE B 71 -2.57 -19.06 2.38
C ILE B 71 -1.99 -18.57 3.69
N GLN B 72 -0.73 -18.95 3.95
CA GLN B 72 0.03 -18.55 5.16
C GLN B 72 1.15 -17.67 4.66
N ASN B 73 0.91 -16.35 4.67
CA ASN B 73 1.94 -15.35 4.29
C ASN B 73 2.19 -14.46 5.51
N ALA B 74 3.32 -14.65 6.19
CA ALA B 74 3.63 -14.03 7.51
C ALA B 74 3.66 -12.51 7.36
N PHE B 75 4.42 -12.00 6.38
CA PHE B 75 4.60 -10.55 6.15
C PHE B 75 3.28 -9.90 5.73
N LEU B 76 2.52 -10.48 4.79
CA LEU B 76 1.21 -9.89 4.40
C LEU B 76 0.32 -9.81 5.65
N TRP B 77 0.30 -10.89 6.43
CA TRP B 77 -0.58 -11.01 7.60
C TRP B 77 -0.22 -9.92 8.63
N GLN B 78 1.08 -9.70 8.88
CA GLN B 78 1.58 -8.67 9.82
C GLN B 78 1.09 -7.27 9.41
N SER B 79 1.27 -6.91 8.13
CA SER B 79 0.91 -5.58 7.58
C SER B 79 -0.60 -5.41 7.65
N TYR B 80 -1.35 -6.44 7.27
CA TYR B 80 -2.84 -6.40 7.30
C TYR B 80 -3.35 -6.23 8.74
N GLN B 81 -2.83 -7.04 9.67
CA GLN B 81 -3.26 -7.00 11.09
C GLN B 81 -2.93 -5.63 11.68
N VAL B 82 -1.83 -4.99 11.30
CA VAL B 82 -1.56 -3.59 11.75
C VAL B 82 -2.63 -2.63 11.20
N LYS B 83 -3.01 -2.76 9.93
CA LYS B 83 -4.02 -1.86 9.33
C LYS B 83 -5.37 -2.11 9.99
N LYS B 84 -5.66 -3.37 10.36
CA LYS B 84 -6.95 -3.70 11.03
C LYS B 84 -7.01 -3.04 12.42
N ARG B 85 -5.93 -3.15 13.19
CA ARG B 85 -5.88 -2.56 14.55
C ARG B 85 -6.08 -1.04 14.45
N GLN B 86 -5.45 -0.40 13.46
CA GLN B 86 -5.60 1.06 13.24
C GLN B 86 -7.06 1.39 12.91
N MET B 87 -7.70 0.62 12.02
CA MET B 87 -9.12 0.89 11.65
C MET B 87 -10.06 0.64 12.84
N ASP B 88 -9.78 -0.39 13.65
CA ASP B 88 -10.58 -0.73 14.85
C ASP B 88 -10.45 0.41 15.88
N ILE B 89 -9.29 1.09 15.96
CA ILE B 89 -9.09 2.27 16.84
C ILE B 89 -9.85 3.46 16.26
N LYS B 90 -9.74 3.67 14.94
CA LYS B 90 -10.24 4.91 14.28
C LYS B 90 -11.77 4.92 14.29
N ASN B 91 -12.38 3.75 14.10
CA ASN B 91 -13.81 3.65 13.71
C ASN B 91 -14.70 3.47 14.96
N ASP B 92 -14.23 2.85 16.04
CA ASP B 92 -14.97 2.66 17.33
C ASP B 92 -16.14 1.68 17.13
N HIS B 93 -15.92 0.41 17.48
CA HIS B 93 -16.95 -0.67 17.59
C HIS B 93 -17.63 -0.94 16.24
N LYS B 94 -16.98 -0.58 15.13
CA LYS B 94 -17.49 -0.94 13.78
C LYS B 94 -16.98 -2.35 13.46
N ASN B 95 -17.80 -3.16 12.81
CA ASN B 95 -17.37 -4.42 12.14
C ASN B 95 -16.63 -4.01 10.87
N ASN B 96 -15.30 -3.89 10.93
CA ASN B 96 -14.51 -3.29 9.82
C ASN B 96 -14.10 -4.32 8.77
N GLU B 97 -14.26 -5.60 9.05
CA GLU B 97 -13.73 -6.71 8.18
C GLU B 97 -14.86 -7.54 7.61
N ARG B 98 -14.82 -7.79 6.31
CA ARG B 98 -15.75 -8.70 5.61
C ARG B 98 -14.91 -9.76 4.91
N LEU B 99 -15.46 -10.98 4.80
CA LEU B 99 -14.87 -12.08 4.02
C LEU B 99 -15.48 -12.05 2.61
N LEU B 100 -14.68 -11.76 1.62
CA LEU B 100 -15.17 -11.49 0.24
C LEU B 100 -14.40 -12.39 -0.73
N PHE B 101 -14.82 -12.39 -1.99
CA PHE B 101 -14.26 -13.22 -3.08
C PHE B 101 -13.52 -12.32 -4.06
N HIS B 102 -12.48 -12.87 -4.69
CA HIS B 102 -11.74 -12.20 -5.80
C HIS B 102 -11.30 -13.25 -6.83
N GLY B 103 -11.80 -13.15 -8.06
CA GLY B 103 -11.37 -14.04 -9.16
C GLY B 103 -10.02 -13.59 -9.66
N THR B 104 -9.13 -14.52 -9.99
CA THR B 104 -7.75 -14.23 -10.46
CA THR B 104 -7.75 -14.23 -10.47
C THR B 104 -7.48 -15.11 -11.70
N ASP B 105 -6.62 -14.64 -12.60
CA ASP B 105 -6.09 -15.43 -13.72
C ASP B 105 -4.92 -16.26 -13.14
N ALA B 106 -4.63 -17.42 -13.72
CA ALA B 106 -3.58 -18.34 -13.21
C ALA B 106 -2.23 -17.61 -13.16
N ASP B 107 -1.95 -16.72 -14.12
CA ASP B 107 -0.62 -16.09 -14.24
C ASP B 107 -0.37 -15.11 -13.07
N SER B 108 -1.43 -14.66 -12.38
CA SER B 108 -1.39 -13.66 -11.29
C SER B 108 -1.29 -14.34 -9.91
N VAL B 109 -1.61 -15.63 -9.81
CA VAL B 109 -1.72 -16.36 -8.52
C VAL B 109 -0.37 -16.32 -7.77
N PRO B 110 0.78 -16.62 -8.40
CA PRO B 110 2.06 -16.52 -7.67
C PRO B 110 2.33 -15.13 -7.07
N TYR B 111 2.07 -14.04 -7.80
CA TYR B 111 2.23 -12.65 -7.29
C TYR B 111 1.27 -12.38 -6.12
N VAL B 112 -0.01 -12.76 -6.21
CA VAL B 112 -0.98 -12.48 -5.11
C VAL B 112 -0.61 -13.27 -3.85
N ASN B 113 -0.24 -14.55 -4.01
CA ASN B 113 0.15 -15.43 -2.87
C ASN B 113 1.27 -14.78 -2.06
N GLN B 114 2.26 -14.21 -2.74
CA GLN B 114 3.52 -13.68 -2.17
C GLN B 114 3.30 -12.22 -1.73
N HIS B 115 2.58 -11.41 -2.51
CA HIS B 115 2.56 -9.91 -2.39
C HIS B 115 1.16 -9.33 -2.23
N GLY B 116 0.12 -10.13 -2.37
CA GLY B 116 -1.27 -9.68 -2.21
C GLY B 116 -1.75 -8.89 -3.42
N PHE B 117 -2.78 -8.07 -3.19
CA PHE B 117 -3.59 -7.38 -4.22
C PHE B 117 -3.02 -5.99 -4.45
N ASN B 118 -2.60 -5.73 -5.69
CA ASN B 118 -1.97 -4.46 -6.08
C ASN B 118 -2.88 -3.69 -7.03
N ARG B 119 -3.38 -2.52 -6.61
CA ARG B 119 -4.38 -1.75 -7.38
C ARG B 119 -3.78 -1.38 -8.75
N SER B 120 -2.46 -1.28 -8.83
CA SER B 120 -1.80 -0.77 -10.05
C SER B 120 -1.89 -1.85 -11.15
N CYS B 121 -2.26 -3.08 -10.80
CA CYS B 121 -2.36 -4.26 -11.71
C CYS B 121 -3.82 -4.55 -12.03
N ALA B 122 -4.75 -3.91 -11.33
CA ALA B 122 -6.20 -4.22 -11.36
C ALA B 122 -6.77 -3.98 -12.76
N GLY B 123 -7.66 -4.87 -13.21
CA GLY B 123 -8.41 -4.71 -14.47
C GLY B 123 -9.44 -3.60 -14.32
N LYS B 124 -9.92 -3.05 -15.44
CA LYS B 124 -11.07 -2.11 -15.47
C LYS B 124 -12.33 -2.96 -15.28
N ASN B 125 -13.18 -2.65 -14.31
CA ASN B 125 -14.42 -3.42 -14.04
C ASN B 125 -15.48 -2.96 -15.05
N ALA B 126 -16.38 -3.86 -15.46
CA ALA B 126 -17.51 -3.54 -16.38
C ALA B 126 -18.36 -2.39 -15.82
N VAL B 127 -18.61 -2.38 -14.51
CA VAL B 127 -19.23 -1.22 -13.81
C VAL B 127 -18.20 -0.68 -12.82
N SER B 128 -17.52 0.41 -13.20
CA SER B 128 -16.46 0.98 -12.34
C SER B 128 -17.02 1.94 -11.28
N TYR B 129 -16.65 1.66 -10.02
CA TYR B 129 -16.88 2.53 -8.83
C TYR B 129 -15.56 3.07 -8.28
N GLY B 130 -14.50 3.00 -9.07
CA GLY B 130 -13.19 3.60 -8.75
C GLY B 130 -12.07 2.71 -9.20
N LYS B 131 -10.85 3.28 -9.28
CA LYS B 131 -9.61 2.56 -9.68
C LYS B 131 -8.97 1.93 -8.44
N GLY B 132 -9.39 0.72 -8.09
CA GLY B 132 -8.81 -0.04 -6.97
C GLY B 132 -9.03 -1.53 -7.16
N THR B 133 -8.80 -2.29 -6.12
CA THR B 133 -8.99 -3.76 -6.17
C THR B 133 -10.44 -4.03 -5.79
N TYR B 134 -11.09 -4.86 -6.58
CA TYR B 134 -12.52 -5.19 -6.42
C TYR B 134 -12.66 -6.52 -5.70
N PHE B 135 -13.66 -6.60 -4.84
CA PHE B 135 -13.98 -7.80 -4.05
C PHE B 135 -15.50 -7.95 -4.04
N ALA B 136 -15.95 -9.17 -4.24
CA ALA B 136 -17.37 -9.52 -4.43
C ALA B 136 -17.96 -10.14 -3.17
N VAL B 137 -19.22 -9.84 -2.87
CA VAL B 137 -19.95 -10.49 -1.76
C VAL B 137 -20.26 -11.91 -2.22
N ASP B 138 -20.68 -12.05 -3.48
CA ASP B 138 -21.13 -13.35 -4.07
C ASP B 138 -20.01 -13.98 -4.90
N ALA B 139 -19.68 -15.24 -4.60
CA ALA B 139 -18.73 -16.05 -5.38
C ALA B 139 -19.15 -16.06 -6.86
N SER B 140 -20.45 -16.13 -7.16
CA SER B 140 -20.98 -16.12 -8.55
C SER B 140 -20.35 -15.01 -9.39
N TYR B 141 -20.14 -13.83 -8.79
CA TYR B 141 -19.63 -12.65 -9.51
C TYR B 141 -18.17 -12.93 -9.91
N SER B 142 -17.37 -13.29 -8.92
CA SER B 142 -15.94 -13.64 -9.09
C SER B 142 -15.80 -14.87 -10.00
N ALA B 143 -16.83 -15.72 -10.10
CA ALA B 143 -16.79 -16.97 -10.92
C ALA B 143 -16.97 -16.68 -12.42
N LYS B 144 -17.26 -15.44 -12.81
CA LYS B 144 -17.38 -15.05 -14.25
C LYS B 144 -16.01 -15.18 -14.92
N ASP B 145 -15.98 -15.62 -16.19
CA ASP B 145 -14.73 -15.96 -16.89
C ASP B 145 -13.85 -14.71 -17.00
N THR B 146 -14.46 -13.52 -16.98
CA THR B 146 -13.78 -12.21 -17.04
C THR B 146 -12.83 -12.00 -15.86
N TYR B 147 -13.11 -12.60 -14.69
CA TYR B 147 -12.32 -12.44 -13.44
C TYR B 147 -11.51 -13.73 -13.13
N SER B 148 -12.18 -14.87 -13.10
CA SER B 148 -11.50 -16.18 -12.84
C SER B 148 -11.30 -16.88 -14.19
N LYS B 149 -10.35 -16.38 -14.99
CA LYS B 149 -10.11 -16.87 -16.35
C LYS B 149 -9.69 -18.33 -16.32
N PRO B 150 -10.43 -19.23 -17.02
CA PRO B 150 -10.01 -20.62 -17.18
C PRO B 150 -8.56 -20.73 -17.67
N ASP B 151 -7.72 -21.52 -17.01
CA ASP B 151 -6.32 -21.74 -17.45
C ASP B 151 -6.33 -22.77 -18.58
N SER B 152 -5.17 -23.16 -19.10
CA SER B 152 -5.03 -24.09 -20.25
C SER B 152 -5.63 -25.47 -19.95
N ASN B 153 -5.88 -25.77 -18.66
CA ASN B 153 -6.44 -27.07 -18.16
C ASN B 153 -7.89 -26.90 -17.72
N GLY B 154 -8.48 -25.73 -17.95
CA GLY B 154 -9.88 -25.44 -17.58
C GLY B 154 -10.08 -25.24 -16.08
N ARG B 155 -9.02 -24.98 -15.32
CA ARG B 155 -9.11 -24.64 -13.88
C ARG B 155 -9.31 -23.13 -13.73
N LYS B 156 -10.30 -22.74 -12.95
CA LYS B 156 -10.58 -21.33 -12.54
C LYS B 156 -10.11 -21.16 -11.10
N HIS B 157 -9.72 -19.94 -10.71
CA HIS B 157 -9.12 -19.62 -9.39
C HIS B 157 -9.81 -18.41 -8.78
N MET B 158 -10.20 -18.56 -7.52
CA MET B 158 -10.88 -17.49 -6.77
C MET B 158 -10.28 -17.45 -5.38
N TYR B 159 -9.93 -16.26 -4.91
CA TYR B 159 -9.44 -16.08 -3.52
C TYR B 159 -10.64 -15.80 -2.64
N VAL B 160 -10.53 -16.22 -1.39
CA VAL B 160 -11.42 -15.80 -0.27
C VAL B 160 -10.54 -14.90 0.59
N VAL B 161 -11.01 -13.67 0.82
CA VAL B 161 -10.13 -12.52 1.21
C VAL B 161 -10.73 -11.82 2.43
N ARG B 162 -9.92 -11.61 3.46
CA ARG B 162 -10.33 -10.74 4.58
C ARG B 162 -10.13 -9.31 4.09
N VAL B 163 -11.20 -8.53 4.01
CA VAL B 163 -11.16 -7.15 3.44
C VAL B 163 -11.58 -6.15 4.52
N LEU B 164 -10.74 -5.13 4.74
CA LEU B 164 -11.04 -4.03 5.69
C LEU B 164 -11.94 -3.02 4.94
N THR B 165 -13.24 -3.29 4.90
CA THR B 165 -14.26 -2.43 4.24
C THR B 165 -14.55 -1.21 5.13
N GLY B 166 -14.47 -1.37 6.46
CA GLY B 166 -14.66 -0.24 7.40
C GLY B 166 -15.93 0.53 7.11
N VAL B 167 -15.82 1.85 7.01
CA VAL B 167 -16.97 2.77 6.74
C VAL B 167 -16.91 3.13 5.25
N PHE B 168 -18.01 2.86 4.56
CA PHE B 168 -18.02 2.89 3.08
C PHE B 168 -19.20 3.72 2.59
N THR B 169 -19.09 4.14 1.35
CA THR B 169 -20.09 4.93 0.59
C THR B 169 -20.13 4.41 -0.84
N LYS B 170 -21.18 4.76 -1.58
CA LYS B 170 -21.23 4.49 -3.04
C LYS B 170 -20.04 5.16 -3.74
N GLY B 171 -19.32 4.39 -4.53
CA GLY B 171 -18.12 4.87 -5.23
C GLY B 171 -18.50 5.55 -6.54
N ARG B 172 -17.48 5.97 -7.29
CA ARG B 172 -17.66 6.61 -8.62
CA ARG B 172 -17.65 6.62 -8.61
C ARG B 172 -16.38 6.37 -9.43
N ALA B 173 -16.52 6.29 -10.75
CA ALA B 173 -15.46 5.84 -11.67
C ALA B 173 -14.19 6.66 -11.51
N GLY B 174 -14.28 7.96 -11.20
CA GLY B 174 -13.07 8.82 -11.17
C GLY B 174 -12.11 8.55 -10.01
N LEU B 175 -12.53 7.84 -8.97
CA LEU B 175 -11.80 7.78 -7.69
C LEU B 175 -10.46 7.05 -7.87
N VAL B 176 -9.39 7.66 -7.37
CA VAL B 176 -8.05 7.01 -7.25
C VAL B 176 -7.76 6.73 -5.75
N THR B 177 -8.46 7.42 -4.84
CA THR B 177 -8.47 7.17 -3.38
C THR B 177 -9.92 7.12 -2.93
N PRO B 178 -10.25 6.64 -1.71
CA PRO B 178 -11.63 6.70 -1.26
C PRO B 178 -12.01 8.18 -1.12
N PRO B 179 -13.30 8.51 -1.18
CA PRO B 179 -13.70 9.91 -1.12
C PRO B 179 -13.66 10.36 0.33
N PRO B 180 -13.59 11.68 0.56
CA PRO B 180 -13.71 12.21 1.91
C PRO B 180 -15.13 12.02 2.45
N LYS B 181 -15.25 11.86 3.77
CA LYS B 181 -16.58 11.80 4.44
C LYS B 181 -17.25 13.18 4.37
N ASN B 182 -16.45 14.23 4.32
CA ASN B 182 -16.90 15.63 4.42
C ASN B 182 -16.11 16.46 3.43
N PRO B 183 -16.75 17.17 2.47
CA PRO B 183 -15.99 17.94 1.48
C PRO B 183 -15.12 19.07 2.05
N HIS B 184 -15.34 19.49 3.31
CA HIS B 184 -14.58 20.60 3.94
C HIS B 184 -13.42 20.03 4.78
N ASN B 185 -13.27 18.70 4.78
CA ASN B 185 -12.12 17.99 5.39
C ASN B 185 -11.65 16.91 4.42
N PRO B 186 -10.84 17.30 3.41
CA PRO B 186 -10.49 16.39 2.32
C PRO B 186 -9.64 15.17 2.70
N THR B 187 -8.96 15.19 3.85
CA THR B 187 -8.02 14.11 4.25
C THR B 187 -8.71 13.06 5.13
N ASP B 188 -9.94 13.28 5.60
CA ASP B 188 -10.61 12.26 6.49
C ASP B 188 -11.51 11.41 5.60
N LEU B 189 -11.07 10.19 5.26
CA LEU B 189 -11.56 9.41 4.10
C LEU B 189 -12.47 8.28 4.57
N PHE B 190 -13.43 7.89 3.73
CA PHE B 190 -14.07 6.55 3.81
C PHE B 190 -12.98 5.48 3.67
N ASP B 191 -13.23 4.30 4.26
CA ASP B 191 -12.26 3.17 4.23
C ASP B 191 -12.34 2.45 2.89
N SER B 192 -13.53 2.36 2.31
CA SER B 192 -13.73 1.71 1.00
C SER B 192 -15.00 2.29 0.32
N VAL B 193 -15.26 1.90 -0.92
CA VAL B 193 -16.51 2.27 -1.63
C VAL B 193 -17.19 0.99 -2.12
N THR B 194 -18.48 1.09 -2.40
CA THR B 194 -19.34 -0.02 -2.82
C THR B 194 -20.15 0.41 -4.05
N ASN B 195 -20.95 -0.49 -4.60
CA ASN B 195 -21.83 -0.21 -5.76
C ASN B 195 -23.17 0.33 -5.23
N ASN B 196 -23.50 -0.01 -3.99
CA ASN B 196 -24.82 0.29 -3.38
C ASN B 196 -24.70 0.15 -1.86
N THR B 197 -24.88 1.25 -1.11
CA THR B 197 -24.72 1.23 0.38
C THR B 197 -25.82 0.38 1.02
N ARG B 198 -27.05 0.47 0.49
CA ARG B 198 -28.26 -0.27 0.99
C ARG B 198 -28.06 -1.77 0.80
N SER B 199 -27.64 -2.20 -0.40
CA SER B 199 -27.44 -3.63 -0.78
C SER B 199 -26.07 -3.81 -1.41
N PRO B 200 -24.98 -3.81 -0.62
CA PRO B 200 -23.64 -3.87 -1.19
C PRO B 200 -23.37 -5.26 -1.80
N LYS B 201 -22.87 -5.30 -3.04
CA LYS B 201 -22.47 -6.55 -3.72
C LYS B 201 -20.99 -6.49 -4.09
N LEU B 202 -20.38 -5.31 -4.16
CA LEU B 202 -18.92 -5.27 -4.38
C LEU B 202 -18.29 -4.16 -3.52
N PHE B 203 -16.99 -4.30 -3.22
CA PHE B 203 -16.25 -3.32 -2.42
C PHE B 203 -14.95 -3.06 -3.15
N VAL B 204 -14.55 -1.81 -3.16
CA VAL B 204 -13.26 -1.39 -3.78
C VAL B 204 -12.39 -0.82 -2.67
N VAL B 205 -11.11 -1.22 -2.64
CA VAL B 205 -10.14 -0.69 -1.65
C VAL B 205 -8.98 -0.17 -2.46
N PHE B 206 -8.34 0.84 -1.92
CA PHE B 206 -7.42 1.71 -2.68
C PHE B 206 -6.04 1.72 -2.04
N PHE B 207 -5.80 0.86 -1.05
CA PHE B 207 -4.49 0.81 -0.37
C PHE B 207 -3.99 -0.62 -0.20
N ASP B 208 -2.68 -0.75 -0.19
CA ASP B 208 -1.97 -2.02 0.06
C ASP B 208 -2.30 -2.47 1.49
N ASN B 209 -2.38 -3.77 1.70
CA ASN B 209 -2.44 -4.33 3.07
C ASN B 209 -3.81 -4.03 3.69
N GLN B 210 -4.80 -3.71 2.86
CA GLN B 210 -6.22 -3.59 3.29
C GLN B 210 -6.97 -4.89 2.98
N ALA B 211 -6.31 -5.88 2.38
CA ALA B 211 -6.92 -7.14 1.93
C ALA B 211 -5.92 -8.26 2.17
N TYR B 212 -6.33 -9.32 2.86
CA TYR B 212 -5.42 -10.48 3.11
C TYR B 212 -5.97 -11.70 2.37
N PRO B 213 -5.22 -12.26 1.40
CA PRO B 213 -5.69 -13.41 0.62
C PRO B 213 -5.64 -14.63 1.53
N GLU B 214 -6.79 -15.12 2.02
CA GLU B 214 -6.76 -16.14 3.10
C GLU B 214 -6.84 -17.55 2.50
N TYR B 215 -7.67 -17.76 1.48
CA TYR B 215 -7.90 -19.08 0.84
C TYR B 215 -7.87 -18.92 -0.67
N LEU B 216 -7.32 -19.94 -1.33
CA LEU B 216 -7.38 -20.08 -2.80
C LEU B 216 -8.29 -21.25 -3.13
N ILE B 217 -9.39 -20.97 -3.83
CA ILE B 217 -10.28 -22.04 -4.37
C ILE B 217 -9.87 -22.29 -5.82
N THR B 218 -9.47 -23.52 -6.12
CA THR B 218 -9.31 -24.02 -7.51
C THR B 218 -10.59 -24.77 -7.87
N PHE B 219 -11.26 -24.39 -8.96
CA PHE B 219 -12.55 -25.02 -9.32
C PHE B 219 -12.64 -25.20 -10.83
N THR B 220 -13.62 -26.00 -11.24
CA THR B 220 -13.86 -26.35 -12.67
C THR B 220 -15.37 -26.33 -12.91
N ALA B 221 -15.77 -26.26 -14.18
CA ALA B 221 -17.16 -26.52 -14.61
C ALA B 221 -17.46 -28.00 -14.39
C4 1OI C . 12.29 14.19 -7.28
C5 1OI C . 10.89 14.45 -7.28
C6 1OI C . 10.29 15.21 -6.20
C11 1OI C . 10.10 13.98 -8.36
C7 1OI C . 8.16 14.96 -7.23
C8 1OI C . 6.39 14.18 -8.74
C9 1OI C . 7.64 13.88 -9.23
C10 1OI C . 8.69 14.24 -8.30
C12 1OI C . 10.72 13.27 -9.40
N1 1OI C . 8.94 15.42 -6.22
C3 1OI C . 12.86 13.52 -8.31
C1 1OI C . 12.25 12.35 -11.66
O1 1OI C . 12.77 12.37 -10.33
C2 1OI C . 12.07 13.06 -9.38
O2 1OI C . 10.96 15.63 -5.27
S1 1OI C . 6.44 15.17 -7.33
S DMS D . -13.78 -10.10 -9.12
O DMS D . -13.75 -11.20 -8.16
C1 DMS D . -14.36 -8.66 -8.25
C2 DMS D . -12.11 -9.57 -9.44
#